data_1RIO
#
_entry.id   1RIO
#
_cell.length_a   47.256
_cell.length_b   71.269
_cell.length_c   77.199
_cell.angle_alpha   90.00
_cell.angle_beta   91.34
_cell.angle_gamma   90.00
#
_symmetry.space_group_name_H-M   'P 1 21 1'
#
loop_
_entity.id
_entity.type
_entity.pdbx_description
1 polymer 27-MER
2 polymer 27-MER
3 polymer 'sigma factor SigA'
4 polymer 'Repressor protein CI'
5 non-polymer 'CALCIUM ION'
6 non-polymer (4S)-2-METHYL-2,4-PENTANEDIOL
7 water water
#
loop_
_entity_poly.entity_id
_entity_poly.type
_entity_poly.pdbx_seq_one_letter_code
_entity_poly.pdbx_strand_id
1 'polydeoxyribonucleotide'
;(DC)(DG)(DG)(DT)(DA)(DT)(DC)(DA)(DC)(DC)(DG)(DC)(DC)(DA)(DG)(DT)(DG)(DC)(DT)(DT)
(DG)(DA)(DC)(DA)(DT)(DG)(DG)
;
U
2 'polydeoxyribonucleotide'
;(DC)(DC)(DA)(DT)(DG)(DT)(DC)(DA)(DA)(DG)(DC)(DA)(DC)(DT)(DG)(DG)(DC)(DG)(DG)(DT)
(DG)(DA)(DT)(DA)(DC)(DC)(DG)
;
T
3 'polypeptide(L)' SEELEKALSKLSEREAMVLKLRKGLIDGREHTLEEVGAYFGVTRERIRQIENKALRKLKYHESRTRKLRDFLE H
4 'polypeptide(L)'
;MSTKKKPLTQEQLEDARRLKAIYEKKKNELGLSQESVADK(MSE)G(MSE)GQSGVGALFNGINALNAYNAALLAKILKV
SVEEFSPSIAREIYE(MSE)YEAVHHHHHH
;
A,B
#
# COMPACT_ATOMS: atom_id res chain seq x y z
N SER C 1 -5.64 -14.20 32.53
CA SER C 1 -4.25 -14.50 32.97
C SER C 1 -3.47 -15.16 31.84
N GLU C 2 -3.62 -16.47 31.71
CA GLU C 2 -2.94 -17.23 30.66
C GLU C 2 -3.61 -16.95 29.32
N GLU C 3 -4.93 -16.78 29.37
CA GLU C 3 -5.66 -16.45 28.16
C GLU C 3 -5.24 -15.10 27.60
N LEU C 4 -5.12 -14.01 28.35
CA LEU C 4 -4.22 -12.87 28.37
C LEU C 4 -2.72 -12.96 27.98
N GLU C 5 -1.99 -13.87 28.64
CA GLU C 5 -0.56 -14.05 28.38
C GLU C 5 -0.33 -14.59 26.97
N LYS C 6 -1.17 -15.55 26.58
CA LYS C 6 -1.12 -16.11 25.23
C LYS C 6 -1.84 -15.14 24.28
N ALA C 7 -2.60 -14.21 24.85
CA ALA C 7 -3.31 -13.21 24.06
C ALA C 7 -2.34 -12.09 23.71
N LEU C 8 -1.36 -11.88 24.57
CA LEU C 8 -0.30 -10.91 24.30
C LEU C 8 0.82 -11.60 23.52
N SER C 9 0.46 -12.65 22.79
CA SER C 9 1.41 -13.40 21.97
C SER C 9 0.96 -13.34 20.51
N LYS C 10 1.40 -12.27 19.87
CA LYS C 10 1.10 -11.94 18.48
C LYS C 10 1.88 -10.66 18.29
N LEU C 11 2.31 -10.12 19.43
CA LEU C 11 3.07 -8.91 19.48
C LEU C 11 4.48 -9.29 19.79
N SER C 12 5.39 -8.35 19.57
CA SER C 12 6.77 -8.53 19.91
C SER C 12 6.80 -8.57 21.42
N GLU C 13 7.83 -9.18 22.00
CA GLU C 13 7.85 -9.26 23.43
C GLU C 13 7.93 -7.85 23.97
N ARG C 14 8.47 -6.95 23.18
CA ARG C 14 8.59 -5.59 23.62
C ARG C 14 7.21 -4.87 23.68
N GLU C 15 6.40 -5.07 22.65
CA GLU C 15 5.07 -4.47 22.65
C GLU C 15 4.27 -4.99 23.83
N ALA C 16 4.42 -6.28 24.09
CA ALA C 16 3.66 -6.91 25.13
C ALA C 16 4.07 -6.35 26.45
N MET C 17 5.39 -6.25 26.62
CA MET C 17 5.99 -5.78 27.85
C MET C 17 5.61 -4.32 28.12
N VAL C 18 5.57 -3.48 27.11
CA VAL C 18 5.06 -2.14 27.25
C VAL C 18 3.61 -2.13 27.82
N LEU C 19 2.73 -2.94 27.27
CA LEU C 19 1.37 -2.98 27.80
C LEU C 19 1.29 -3.45 29.25
N LYS C 20 2.02 -4.51 29.59
CA LYS C 20 1.95 -5.12 30.91
C LYS C 20 2.37 -4.13 31.95
N LEU C 21 3.37 -3.33 31.57
CA LEU C 21 3.91 -2.33 32.51
C LEU C 21 3.01 -1.13 32.67
N ARG C 22 2.34 -0.77 31.59
CA ARG C 22 1.38 0.31 31.61
C ARG C 22 0.18 -0.09 32.44
N LYS C 23 -0.24 -1.36 32.36
CA LYS C 23 -1.43 -1.82 33.07
C LYS C 23 -1.14 -2.44 34.47
N GLY C 24 0.09 -2.30 34.93
CA GLY C 24 0.43 -2.78 36.26
C GLY C 24 0.61 -4.28 36.38
N LEU C 25 0.66 -5.01 35.28
CA LEU C 25 0.72 -6.47 35.35
C LEU C 25 2.08 -7.02 35.74
N ILE C 26 3.14 -6.24 35.65
CA ILE C 26 4.46 -6.76 35.96
C ILE C 26 4.79 -6.61 37.46
N ASP C 27 4.49 -5.46 38.00
CA ASP C 27 4.94 -5.17 39.33
C ASP C 27 3.92 -4.48 40.20
N GLY C 28 2.71 -4.34 39.72
CA GLY C 28 1.68 -3.73 40.56
C GLY C 28 1.50 -2.25 40.30
N ARG C 29 2.38 -1.57 39.55
CA ARG C 29 2.16 -0.14 39.30
C ARG C 29 1.91 0.14 37.84
N GLU C 30 0.99 1.07 37.58
CA GLU C 30 0.61 1.43 36.23
C GLU C 30 1.59 2.49 35.71
N HIS C 31 2.71 2.06 35.23
CA HIS C 31 3.74 3.02 34.92
C HIS C 31 3.36 4.02 33.88
N THR C 32 4.01 5.18 33.96
CA THR C 32 3.80 6.22 32.99
C THR C 32 4.62 5.89 31.74
N LEU C 33 4.32 6.61 30.68
CA LEU C 33 5.02 6.50 29.44
C LEU C 33 6.43 6.83 29.67
N GLU C 34 6.76 7.86 30.47
CA GLU C 34 8.18 8.22 30.75
C GLU C 34 8.92 7.08 31.49
N GLU C 35 8.26 6.49 32.46
CA GLU C 35 8.87 5.42 33.23
C GLU C 35 9.17 4.25 32.31
N VAL C 36 8.21 3.89 31.45
CA VAL C 36 8.43 2.74 30.55
C VAL C 36 9.51 3.14 29.56
N GLY C 37 9.48 4.37 29.15
CA GLY C 37 10.56 4.86 28.30
C GLY C 37 11.93 4.62 28.89
N ALA C 38 12.13 5.10 30.08
CA ALA C 38 13.40 4.94 30.78
C ALA C 38 13.74 3.49 30.89
N TYR C 39 12.76 2.63 31.07
CA TYR C 39 13.04 1.20 31.08
C TYR C 39 13.60 0.71 29.75
N PHE C 40 13.06 1.23 28.65
CA PHE C 40 13.45 0.69 27.40
C PHE C 40 14.51 1.54 26.75
N GLY C 41 14.92 2.59 27.42
CA GLY C 41 15.91 3.46 26.84
C GLY C 41 15.39 4.33 25.69
N VAL C 42 14.15 4.72 25.69
CA VAL C 42 13.65 5.59 24.61
C VAL C 42 12.69 6.56 25.23
N THR C 43 12.23 7.54 24.47
CA THR C 43 11.34 8.56 25.00
C THR C 43 9.92 8.11 25.25
N ARG C 44 9.16 8.98 25.92
CA ARG C 44 7.78 8.68 26.28
C ARG C 44 6.90 8.63 25.02
N GLU C 45 7.25 9.48 24.05
CA GLU C 45 6.53 9.45 22.80
C GLU C 45 6.72 8.11 22.07
N ARG C 46 7.91 7.53 22.04
CA ARG C 46 8.05 6.28 21.31
C ARG C 46 7.31 5.19 22.06
N ILE C 47 7.27 5.25 23.37
CA ILE C 47 6.51 4.24 24.05
C ILE C 47 5.04 4.45 23.67
N ARG C 48 4.61 5.72 23.53
CA ARG C 48 3.21 5.95 23.19
C ARG C 48 2.97 5.30 21.85
N GLN C 49 3.95 5.44 20.98
CA GLN C 49 3.79 4.94 19.63
C GLN C 49 3.61 3.43 19.68
N ILE C 50 4.48 2.79 20.45
CA ILE C 50 4.53 1.35 20.47
C ILE C 50 3.26 0.87 21.06
N GLU C 51 2.90 1.40 22.21
CA GLU C 51 1.66 0.97 22.83
C GLU C 51 0.47 1.05 21.84
N ASN C 52 0.43 2.07 21.03
CA ASN C 52 -0.74 2.22 20.17
C ASN C 52 -0.76 1.14 19.13
N LYS C 53 0.44 0.83 18.64
CA LYS C 53 0.56 -0.18 17.64
C LYS C 53 0.19 -1.52 18.27
N ALA C 54 0.57 -1.74 19.51
CA ALA C 54 0.23 -2.98 20.15
C ALA C 54 -1.27 -3.11 20.39
N LEU C 55 -1.93 -2.04 20.83
CA LEU C 55 -3.37 -2.13 21.10
C LEU C 55 -4.14 -2.39 19.83
N ARG C 56 -3.73 -1.74 18.73
CA ARG C 56 -4.35 -1.92 17.42
C ARG C 56 -4.11 -3.34 16.93
N LYS C 57 -3.02 -3.92 17.41
CA LYS C 57 -2.66 -5.25 17.01
C LYS C 57 -3.57 -6.29 17.65
N LEU C 58 -3.89 -6.13 18.93
CA LEU C 58 -4.76 -7.13 19.54
C LEU C 58 -6.25 -6.82 19.39
N LYS C 59 -6.56 -5.71 18.72
CA LYS C 59 -7.93 -5.29 18.52
C LYS C 59 -8.33 -5.39 17.05
N TYR C 60 -7.77 -6.37 16.36
CA TYR C 60 -8.04 -6.57 14.95
C TYR C 60 -8.19 -8.07 14.68
N HIS C 61 -7.62 -8.87 15.58
CA HIS C 61 -7.68 -10.32 15.48
C HIS C 61 -8.81 -10.82 16.39
N SER D 2 17.28 -8.70 3.34
CA SER D 2 18.57 -8.24 2.79
C SER D 2 19.02 -9.11 1.59
N THR D 3 18.29 -10.18 1.35
CA THR D 3 18.28 -10.77 0.05
C THR D 3 17.64 -9.62 -0.77
N LYS D 4 18.28 -9.29 -1.85
CA LYS D 4 17.90 -8.18 -2.67
C LYS D 4 16.53 -8.39 -3.35
N LYS D 5 16.17 -9.66 -3.51
CA LYS D 5 14.98 -10.09 -4.17
C LYS D 5 14.16 -10.96 -3.24
N LYS D 6 12.87 -10.74 -3.22
CA LYS D 6 11.98 -11.54 -2.42
C LYS D 6 11.29 -12.55 -3.28
N PRO D 7 11.09 -13.77 -2.80
CA PRO D 7 10.39 -14.78 -3.60
C PRO D 7 8.90 -14.50 -3.76
N LEU D 8 8.31 -15.01 -4.80
CA LEU D 8 6.91 -14.76 -5.02
C LEU D 8 6.05 -15.69 -4.14
N THR D 9 4.83 -15.27 -3.82
CA THR D 9 3.90 -16.14 -3.14
C THR D 9 3.35 -17.11 -4.17
N GLN D 10 2.65 -18.12 -3.70
CA GLN D 10 2.17 -19.14 -4.62
C GLN D 10 1.24 -18.51 -5.61
N GLU D 11 0.36 -17.62 -5.13
CA GLU D 11 -0.61 -16.93 -5.97
C GLU D 11 0.10 -16.07 -7.03
N GLN D 12 1.21 -15.45 -6.69
CA GLN D 12 1.91 -14.65 -7.66
C GLN D 12 2.48 -15.55 -8.77
N LEU D 13 2.85 -16.78 -8.40
CA LEU D 13 3.42 -17.72 -9.39
C LEU D 13 2.39 -18.16 -10.39
N GLU D 14 1.20 -18.39 -9.91
CA GLU D 14 0.11 -18.74 -10.74
C GLU D 14 -0.25 -17.61 -11.66
N ASP D 15 -0.35 -16.40 -11.12
CA ASP D 15 -0.73 -15.34 -11.98
C ASP D 15 0.33 -15.40 -13.10
N ALA D 16 1.59 -15.60 -12.74
CA ALA D 16 2.57 -15.57 -13.80
C ALA D 16 2.35 -16.65 -14.85
N ARG D 17 1.96 -17.82 -14.39
CA ARG D 17 1.80 -18.90 -15.32
C ARG D 17 0.67 -18.58 -16.24
N ARG D 18 -0.39 -18.11 -15.66
CA ARG D 18 -1.53 -17.77 -16.51
C ARG D 18 -1.09 -16.67 -17.50
N LEU D 19 -0.33 -15.70 -17.01
CA LEU D 19 0.12 -14.69 -17.90
C LEU D 19 0.87 -15.31 -19.03
N LYS D 20 1.87 -16.10 -18.70
CA LYS D 20 2.71 -16.66 -19.76
C LYS D 20 1.90 -17.46 -20.77
N ALA D 21 0.97 -18.23 -20.27
CA ALA D 21 0.21 -19.06 -21.17
C ALA D 21 -0.52 -18.18 -22.14
N ILE D 22 -1.00 -17.02 -21.69
CA ILE D 22 -1.74 -16.17 -22.58
C ILE D 22 -0.78 -15.66 -23.65
N TYR D 23 0.47 -15.38 -23.28
CA TYR D 23 1.47 -14.93 -24.28
C TYR D 23 1.74 -16.02 -25.31
N GLU D 24 1.95 -17.24 -24.84
CA GLU D 24 2.21 -18.34 -25.75
C GLU D 24 1.08 -18.57 -26.77
N LYS D 25 -0.14 -18.44 -26.29
CA LYS D 25 -1.29 -18.69 -27.10
C LYS D 25 -1.62 -17.62 -28.14
N LYS D 26 -1.25 -16.39 -27.85
CA LYS D 26 -1.65 -15.31 -28.72
C LYS D 26 -0.52 -14.59 -29.38
N LYS D 27 0.73 -14.99 -29.11
CA LYS D 27 1.88 -14.25 -29.66
C LYS D 27 1.83 -14.22 -31.18
N ASN D 28 1.37 -15.30 -31.79
CA ASN D 28 1.36 -15.34 -33.24
C ASN D 28 0.37 -14.38 -33.84
N GLU D 29 -0.89 -14.47 -33.44
CA GLU D 29 -1.89 -13.53 -33.96
C GLU D 29 -1.53 -12.09 -33.65
N LEU D 30 -0.80 -11.83 -32.57
CA LEU D 30 -0.47 -10.46 -32.22
C LEU D 30 0.93 -10.03 -32.63
N GLY D 31 1.69 -10.96 -33.19
CA GLY D 31 3.04 -10.64 -33.66
C GLY D 31 3.94 -10.10 -32.54
N LEU D 32 3.88 -10.81 -31.43
CA LEU D 32 4.61 -10.42 -30.23
C LEU D 32 5.84 -11.26 -30.01
N SER D 33 6.88 -10.65 -29.44
CA SER D 33 7.99 -11.41 -28.87
C SER D 33 8.28 -10.79 -27.46
N GLN D 34 8.99 -11.49 -26.56
CA GLN D 34 9.24 -10.94 -25.24
C GLN D 34 9.83 -9.59 -25.43
N GLU D 35 10.59 -9.55 -26.49
CA GLU D 35 11.30 -8.38 -26.85
C GLU D 35 10.36 -7.27 -27.30
N SER D 36 9.37 -7.62 -28.11
CA SER D 36 8.53 -6.58 -28.64
C SER D 36 7.61 -6.09 -27.51
N VAL D 37 7.15 -7.05 -26.70
CA VAL D 37 6.42 -6.73 -25.49
C VAL D 37 7.28 -5.85 -24.55
N ALA D 38 8.54 -6.17 -24.36
CA ALA D 38 9.26 -5.28 -23.48
C ALA D 38 9.24 -3.86 -24.08
N ASP D 39 9.58 -3.73 -25.37
CA ASP D 39 9.53 -2.44 -26.01
C ASP D 39 8.21 -1.71 -25.77
N LYS D 40 7.06 -2.39 -25.89
CA LYS D 40 5.81 -1.68 -25.63
C LYS D 40 5.77 -1.16 -24.17
N GLY D 42 8.52 -0.31 -22.15
CA GLY D 42 9.63 0.51 -21.73
C GLY D 42 10.66 -0.20 -20.85
N GLY D 44 13.41 -4.04 -20.79
CA GLY D 44 14.18 -5.02 -21.54
C GLY D 44 13.52 -6.39 -21.48
N GLN D 45 13.90 -7.27 -22.41
CA GLN D 45 13.38 -8.63 -22.53
C GLN D 45 13.63 -9.52 -21.29
N SER D 46 14.65 -9.22 -20.50
CA SER D 46 14.87 -9.98 -19.25
C SER D 46 13.76 -9.57 -18.27
N GLY D 47 13.38 -8.30 -18.37
CA GLY D 47 12.25 -7.74 -17.65
C GLY D 47 10.96 -8.55 -17.80
N VAL D 48 10.53 -8.73 -19.04
CA VAL D 48 9.36 -9.50 -19.38
C VAL D 48 9.51 -10.97 -19.04
N GLY D 49 10.67 -11.52 -19.36
CA GLY D 49 10.92 -12.90 -19.02
C GLY D 49 10.74 -13.14 -17.55
N ALA D 50 11.27 -12.25 -16.74
CA ALA D 50 11.12 -12.32 -15.29
C ALA D 50 9.63 -12.30 -14.88
N LEU D 51 8.85 -11.45 -15.52
CA LEU D 51 7.41 -11.49 -15.23
C LEU D 51 6.75 -12.75 -15.75
N PHE D 52 7.10 -13.19 -16.95
CA PHE D 52 6.44 -14.40 -17.46
C PHE D 52 6.87 -15.64 -16.69
N ASN D 53 8.12 -15.68 -16.20
CA ASN D 53 8.64 -16.88 -15.56
C ASN D 53 8.49 -16.99 -14.03
N GLY D 54 8.01 -15.94 -13.37
CA GLY D 54 7.74 -16.04 -11.93
C GLY D 54 8.91 -15.63 -11.06
N ILE D 55 9.77 -14.81 -11.61
CA ILE D 55 10.98 -14.36 -11.01
C ILE D 55 10.68 -13.05 -10.31
N ASN D 56 9.91 -12.20 -10.99
CA ASN D 56 9.45 -10.96 -10.44
C ASN D 56 7.92 -10.94 -10.42
N ALA D 57 7.37 -10.50 -9.32
CA ALA D 57 5.95 -10.39 -9.25
C ALA D 57 5.39 -9.28 -10.15
N LEU D 58 4.20 -9.50 -10.65
CA LEU D 58 3.46 -8.44 -11.27
C LEU D 58 3.08 -7.37 -10.26
N ASN D 59 2.94 -6.14 -10.74
CA ASN D 59 2.26 -5.09 -10.02
C ASN D 59 1.04 -4.62 -10.89
N ALA D 60 0.15 -3.80 -10.35
CA ALA D 60 -1.05 -3.38 -11.03
C ALA D 60 -0.79 -2.71 -12.36
N TYR D 61 0.20 -1.83 -12.40
CA TYR D 61 0.49 -1.10 -13.63
C TYR D 61 0.96 -2.07 -14.71
N ASN D 62 2.01 -2.84 -14.44
CA ASN D 62 2.45 -3.80 -15.46
C ASN D 62 1.38 -4.82 -15.81
N ALA D 63 0.48 -5.13 -14.88
CA ALA D 63 -0.52 -6.12 -15.24
C ALA D 63 -1.48 -5.47 -16.24
N ALA D 64 -1.86 -4.24 -15.96
CA ALA D 64 -2.77 -3.53 -16.86
C ALA D 64 -2.12 -3.38 -18.26
N LEU D 65 -0.83 -3.13 -18.30
CA LEU D 65 -0.18 -3.01 -19.56
C LEU D 65 -0.18 -4.30 -20.31
N LEU D 66 0.13 -5.39 -19.62
CA LEU D 66 0.20 -6.66 -20.29
C LEU D 66 -1.14 -6.97 -20.85
N ALA D 67 -2.17 -6.69 -20.05
CA ALA D 67 -3.49 -7.06 -20.47
C ALA D 67 -3.82 -6.28 -21.74
N LYS D 68 -3.47 -5.00 -21.77
CA LYS D 68 -3.72 -4.26 -22.96
C LYS D 68 -2.92 -4.77 -24.18
N ILE D 69 -1.66 -5.14 -24.03
CA ILE D 69 -0.88 -5.67 -25.16
C ILE D 69 -1.41 -6.98 -25.70
N LEU D 70 -1.83 -7.83 -24.79
CA LEU D 70 -2.31 -9.17 -25.07
C LEU D 70 -3.78 -9.25 -25.33
N LYS D 71 -4.46 -8.11 -25.26
CA LYS D 71 -5.91 -8.04 -25.47
C LYS D 71 -6.72 -9.03 -24.64
N VAL D 72 -6.55 -8.96 -23.34
CA VAL D 72 -7.39 -9.76 -22.46
C VAL D 72 -7.65 -8.83 -21.32
N SER D 73 -8.47 -9.26 -20.40
CA SER D 73 -8.69 -8.44 -19.22
C SER D 73 -7.69 -8.92 -18.13
N VAL D 74 -7.27 -8.04 -17.24
CA VAL D 74 -6.34 -8.46 -16.16
C VAL D 74 -6.79 -9.72 -15.44
N GLU D 75 -8.08 -9.82 -15.11
CA GLU D 75 -8.58 -10.97 -14.37
C GLU D 75 -8.44 -12.33 -15.09
N GLU D 76 -8.01 -12.33 -16.33
CA GLU D 76 -7.78 -13.59 -16.96
C GLU D 76 -6.45 -14.17 -16.54
N PHE D 77 -5.56 -13.38 -15.96
CA PHE D 77 -4.32 -13.93 -15.39
C PHE D 77 -4.18 -13.63 -13.91
N SER D 78 -4.75 -12.51 -13.42
CA SER D 78 -4.64 -12.21 -11.99
C SER D 78 -5.93 -11.58 -11.44
N PRO D 79 -6.80 -12.41 -10.93
CA PRO D 79 -8.01 -11.90 -10.32
C PRO D 79 -7.75 -11.02 -9.12
N SER D 80 -6.62 -11.14 -8.45
CA SER D 80 -6.40 -10.32 -7.27
C SER D 80 -5.90 -8.98 -7.70
N ILE D 81 -5.10 -8.91 -8.72
CA ILE D 81 -4.65 -7.64 -9.16
C ILE D 81 -5.82 -6.89 -9.76
N ALA D 82 -6.68 -7.57 -10.50
CA ALA D 82 -7.82 -6.88 -11.02
C ALA D 82 -8.76 -6.34 -9.94
N ARG D 83 -8.90 -7.07 -8.83
CA ARG D 83 -9.71 -6.60 -7.74
C ARG D 83 -9.06 -5.33 -7.21
N GLU D 84 -7.76 -5.34 -7.09
CA GLU D 84 -7.05 -4.17 -6.57
C GLU D 84 -7.32 -2.99 -7.49
N ILE D 85 -7.30 -3.24 -8.80
CA ILE D 85 -7.53 -2.16 -9.76
C ILE D 85 -8.94 -1.54 -9.60
N TYR D 86 -9.95 -2.39 -9.52
CA TYR D 86 -11.30 -1.89 -9.40
C TYR D 86 -11.49 -1.10 -8.10
N GLU D 87 -10.94 -1.62 -7.00
CA GLU D 87 -11.03 -0.92 -5.73
C GLU D 87 -10.40 0.42 -5.79
N TYR D 89 -10.25 2.19 -8.43
CA TYR D 89 -11.12 3.04 -9.26
C TYR D 89 -12.35 3.48 -8.44
N GLU D 90 -12.76 2.72 -7.47
CA GLU D 90 -13.85 3.20 -6.64
C GLU D 90 -13.48 4.49 -5.94
N ALA D 91 -12.19 4.65 -5.68
CA ALA D 91 -11.76 5.83 -4.99
C ALA D 91 -11.69 7.00 -5.91
N VAL D 92 -11.71 6.77 -7.20
CA VAL D 92 -11.75 7.89 -8.14
C VAL D 92 -13.22 8.32 -8.35
N HIS D 93 -14.10 7.34 -8.35
CA HIS D 93 -15.54 7.53 -8.53
C HIS D 93 -16.25 8.24 -7.39
N HIS D 94 -16.07 7.67 -6.18
CA HIS D 94 -16.75 8.13 -4.96
C HIS D 94 -16.34 9.49 -4.46
N HIS D 95 -17.29 10.16 -3.81
CA HIS D 95 -17.02 11.35 -3.00
C HIS D 95 -16.41 12.52 -3.69
N HIS D 96 -16.80 12.77 -4.93
CA HIS D 96 -16.39 13.96 -5.67
C HIS D 96 -16.84 15.33 -5.07
N HIS D 97 -16.00 16.35 -5.20
CA HIS D 97 -16.37 17.71 -4.81
C HIS D 97 -15.46 18.63 -5.60
N HIS D 98 -15.70 19.95 -5.61
CA HIS D 98 -14.60 20.91 -5.95
C HIS D 98 -15.12 22.21 -6.62
N SER E 2 23.31 12.11 5.91
CA SER E 2 23.91 12.62 4.63
C SER E 2 22.94 12.42 3.45
N THR E 3 23.47 12.44 2.22
CA THR E 3 22.76 12.01 1.01
C THR E 3 21.26 12.27 1.10
N LYS E 4 20.90 13.54 0.96
CA LYS E 4 19.51 13.97 1.02
C LYS E 4 18.66 13.34 -0.08
N LYS E 5 17.39 13.19 0.23
CA LYS E 5 16.42 12.59 -0.65
C LYS E 5 16.04 13.51 -1.81
N LYS E 6 16.09 12.97 -3.01
CA LYS E 6 15.72 13.69 -4.20
C LYS E 6 14.31 14.31 -4.09
N PRO E 7 14.17 15.56 -4.47
CA PRO E 7 12.88 16.24 -4.45
C PRO E 7 11.92 15.67 -5.48
N LEU E 8 10.66 15.51 -5.08
CA LEU E 8 9.60 15.12 -5.99
C LEU E 8 9.34 16.21 -7.12
N THR E 9 8.51 15.90 -8.10
CA THR E 9 8.23 16.87 -9.14
C THR E 9 7.27 17.93 -8.60
N GLN E 10 7.28 19.07 -9.25
CA GLN E 10 6.39 20.14 -8.84
C GLN E 10 4.94 19.63 -8.79
N GLU E 11 4.55 18.85 -9.77
CA GLU E 11 3.20 18.33 -9.79
C GLU E 11 3.01 17.42 -8.58
N GLN E 12 4.00 16.63 -8.26
CA GLN E 12 3.82 15.75 -7.12
C GLN E 12 3.69 16.61 -5.89
N LEU E 13 4.46 17.70 -5.84
CA LEU E 13 4.43 18.53 -4.68
C LEU E 13 3.09 19.19 -4.58
N GLU E 14 2.50 19.55 -5.71
CA GLU E 14 1.15 20.12 -5.69
C GLU E 14 0.13 19.07 -5.22
N ASP E 15 0.21 17.87 -5.76
CA ASP E 15 -0.64 16.78 -5.30
C ASP E 15 -0.59 16.70 -3.76
N ALA E 16 0.62 16.63 -3.22
CA ALA E 16 0.75 16.49 -1.77
C ALA E 16 0.16 17.69 -1.02
N ARG E 17 0.39 18.88 -1.53
CA ARG E 17 -0.15 20.02 -0.81
C ARG E 17 -1.69 20.02 -0.76
N ARG E 18 -2.32 19.66 -1.87
CA ARG E 18 -3.77 19.47 -1.90
C ARG E 18 -4.25 18.33 -0.94
N LEU E 19 -3.50 17.25 -0.91
CA LEU E 19 -3.78 16.13 -0.03
C LEU E 19 -3.77 16.55 1.45
N LYS E 20 -2.68 17.16 1.85
CA LYS E 20 -2.54 17.63 3.19
C LYS E 20 -3.66 18.62 3.51
N ALA E 21 -3.90 19.59 2.65
CA ALA E 21 -4.97 20.55 2.90
C ALA E 21 -6.34 19.87 3.12
N ILE E 22 -6.67 18.86 2.32
CA ILE E 22 -7.88 18.13 2.59
C ILE E 22 -7.73 17.56 4.00
N TYR E 23 -6.58 16.95 4.31
CA TYR E 23 -6.44 16.30 5.60
C TYR E 23 -6.70 17.26 6.73
N GLU E 24 -6.05 18.43 6.70
CA GLU E 24 -6.19 19.44 7.72
C GLU E 24 -7.63 19.90 7.85
N LYS E 25 -8.27 20.04 6.72
CA LYS E 25 -9.63 20.58 6.70
C LYS E 25 -10.67 19.63 7.30
N LYS E 26 -10.41 18.32 7.19
CA LYS E 26 -11.39 17.30 7.56
C LYS E 26 -11.04 16.42 8.76
N LYS E 27 -9.79 16.51 9.23
CA LYS E 27 -9.32 15.66 10.32
C LYS E 27 -10.19 15.70 11.58
N ASN E 28 -10.65 16.89 11.98
CA ASN E 28 -11.49 16.99 13.17
C ASN E 28 -12.78 16.20 13.07
N GLU E 29 -13.56 16.47 12.03
CA GLU E 29 -14.83 15.78 11.84
C GLU E 29 -14.68 14.28 11.53
N LEU E 30 -13.60 13.90 10.85
CA LEU E 30 -13.40 12.48 10.56
C LEU E 30 -12.72 11.82 11.77
N GLY E 31 -12.17 12.65 12.63
CA GLY E 31 -11.51 12.13 13.83
C GLY E 31 -10.21 11.36 13.56
N LEU E 32 -9.39 11.93 12.68
CA LEU E 32 -8.16 11.34 12.30
C LEU E 32 -6.93 12.04 12.89
N SER E 33 -5.84 11.29 12.96
CA SER E 33 -4.49 11.81 13.23
C SER E 33 -3.65 11.22 12.15
N GLN E 34 -2.49 11.78 11.85
CA GLN E 34 -1.59 11.12 10.89
C GLN E 34 -1.37 9.70 11.32
N GLU E 35 -1.28 9.50 12.63
CA GLU E 35 -1.12 8.16 13.18
C GLU E 35 -2.33 7.23 12.87
N SER E 36 -3.56 7.71 13.03
CA SER E 36 -4.67 6.78 12.88
C SER E 36 -4.90 6.47 11.38
N VAL E 37 -4.63 7.45 10.53
CA VAL E 37 -4.66 7.26 9.11
C VAL E 37 -3.66 6.17 8.68
N ALA E 38 -2.47 6.26 9.23
CA ALA E 38 -1.41 5.35 8.90
C ALA E 38 -1.81 3.95 9.22
N ASP E 39 -2.41 3.77 10.38
CA ASP E 39 -2.85 2.45 10.76
C ASP E 39 -3.85 1.88 9.77
N LYS E 40 -4.71 2.69 9.19
CA LYS E 40 -5.70 2.14 8.29
C LYS E 40 -5.01 1.72 7.03
N GLY E 42 -1.83 0.35 6.97
CA GLY E 42 -0.77 -0.63 7.15
C GLY E 42 0.59 -0.04 7.38
N GLY E 44 3.15 3.34 9.37
CA GLY E 44 3.42 4.21 10.49
C GLY E 44 3.19 5.68 10.21
N GLN E 45 3.20 6.42 11.28
CA GLN E 45 2.87 7.81 11.24
C GLN E 45 3.81 8.61 10.39
N SER E 46 5.11 8.29 10.47
CA SER E 46 6.06 9.11 9.78
C SER E 46 5.97 8.88 8.31
N GLY E 47 5.52 7.69 7.94
CA GLY E 47 5.33 7.32 6.56
C GLY E 47 4.19 8.07 5.94
N VAL E 48 3.14 8.19 6.70
CA VAL E 48 2.00 8.95 6.18
C VAL E 48 2.42 10.39 6.10
N GLY E 49 3.17 10.84 7.08
CA GLY E 49 3.58 12.23 7.08
C GLY E 49 4.45 12.61 5.89
N ALA E 50 5.34 11.70 5.51
CA ALA E 50 6.19 11.94 4.38
C ALA E 50 5.33 12.14 3.12
N LEU E 51 4.17 11.48 3.08
CA LEU E 51 3.30 11.58 1.92
C LEU E 51 2.59 12.92 1.91
N PHE E 52 2.13 13.35 3.08
CA PHE E 52 1.41 14.60 3.20
C PHE E 52 2.31 15.79 2.93
N ASN E 53 3.58 15.67 3.29
CA ASN E 53 4.47 16.85 3.17
C ASN E 53 5.33 16.87 1.92
N GLY E 54 4.98 16.04 0.97
CA GLY E 54 5.66 15.99 -0.32
C GLY E 54 7.08 15.44 -0.30
N ILE E 55 7.38 14.55 0.61
CA ILE E 55 8.77 14.07 0.80
C ILE E 55 8.89 12.72 0.09
N ASN E 56 7.87 11.89 0.22
CA ASN E 56 7.78 10.62 -0.47
C ASN E 56 6.68 10.68 -1.47
N ALA E 57 6.89 10.06 -2.62
CA ALA E 57 5.90 10.05 -3.69
C ALA E 57 4.67 9.23 -3.38
N LEU E 58 3.50 9.70 -3.85
CA LEU E 58 2.29 8.92 -3.78
C LEU E 58 2.36 7.86 -4.85
N ASN E 59 1.76 6.69 -4.60
CA ASN E 59 1.54 5.77 -5.67
C ASN E 59 0.00 5.67 -5.81
N ALA E 60 -0.46 4.98 -6.81
CA ALA E 60 -1.86 4.85 -6.97
C ALA E 60 -2.54 4.13 -5.83
N TYR E 61 -1.90 3.08 -5.32
CA TYR E 61 -2.48 2.37 -4.20
C TYR E 61 -2.66 3.30 -2.97
N ASN E 62 -1.60 3.97 -2.55
CA ASN E 62 -1.73 4.81 -1.40
C ASN E 62 -2.70 5.99 -1.65
N ALA E 63 -2.75 6.51 -2.85
CA ALA E 63 -3.67 7.59 -3.10
C ALA E 63 -5.09 7.15 -2.90
N ALA E 64 -5.37 5.94 -3.33
CA ALA E 64 -6.72 5.46 -3.30
C ALA E 64 -7.13 5.21 -1.91
N LEU E 65 -6.18 4.72 -1.14
CA LEU E 65 -6.39 4.43 0.27
C LEU E 65 -6.72 5.72 1.03
N LEU E 66 -6.01 6.77 0.67
CA LEU E 66 -6.14 8.05 1.33
C LEU E 66 -7.45 8.71 1.00
N ALA E 67 -7.84 8.63 -0.29
CA ALA E 67 -9.11 9.07 -0.72
C ALA E 67 -10.22 8.37 0.01
N LYS E 68 -10.14 7.05 0.13
CA LYS E 68 -11.19 6.38 0.89
C LYS E 68 -11.26 6.85 2.40
N ILE E 69 -10.11 7.01 3.03
CA ILE E 69 -10.03 7.38 4.43
C ILE E 69 -10.57 8.78 4.67
N LEU E 70 -10.21 9.68 3.79
CA LEU E 70 -10.62 11.06 3.86
C LEU E 70 -12.00 11.35 3.21
N LYS E 71 -12.56 10.39 2.53
CA LYS E 71 -13.88 10.53 1.98
C LYS E 71 -13.94 11.58 0.89
N VAL E 72 -12.95 11.54 0.02
CA VAL E 72 -12.89 12.41 -1.11
C VAL E 72 -12.47 11.58 -2.36
N SER E 73 -12.62 12.16 -3.52
CA SER E 73 -12.18 11.46 -4.73
C SER E 73 -10.71 11.64 -4.91
N VAL E 74 -10.04 10.72 -5.58
CA VAL E 74 -8.61 10.93 -5.82
C VAL E 74 -8.41 12.18 -6.62
N GLU E 75 -9.40 12.51 -7.46
CA GLU E 75 -9.35 13.68 -8.34
C GLU E 75 -9.18 14.95 -7.54
N GLU E 76 -9.56 14.91 -6.27
CA GLU E 76 -9.44 16.14 -5.44
C GLU E 76 -8.03 16.48 -5.00
N PHE E 77 -7.08 15.60 -5.15
CA PHE E 77 -5.71 15.99 -4.81
C PHE E 77 -4.72 15.70 -5.92
N SER E 78 -4.94 14.60 -6.64
CA SER E 78 -4.13 14.24 -7.80
C SER E 78 -4.92 13.80 -9.07
N PRO E 79 -5.16 14.72 -9.97
CA PRO E 79 -5.73 14.36 -11.25
C PRO E 79 -4.89 13.35 -12.01
N SER E 80 -3.57 13.44 -12.00
CA SER E 80 -2.78 12.52 -12.81
C SER E 80 -2.83 11.09 -12.24
N ILE E 81 -2.81 10.93 -10.95
CA ILE E 81 -3.01 9.60 -10.40
C ILE E 81 -4.43 9.08 -10.67
N ALA E 82 -5.42 9.95 -10.70
CA ALA E 82 -6.79 9.51 -10.97
C ALA E 82 -6.92 8.99 -12.40
N ARG E 83 -6.29 9.71 -13.33
CA ARG E 83 -6.27 9.26 -14.71
C ARG E 83 -5.48 7.93 -14.81
N GLU E 84 -4.40 7.82 -14.09
CA GLU E 84 -3.64 6.60 -14.19
C GLU E 84 -4.56 5.44 -13.74
N ILE E 85 -5.24 5.59 -12.59
CA ILE E 85 -6.11 4.56 -12.12
C ILE E 85 -7.18 4.23 -13.13
N TYR E 86 -7.68 5.23 -13.83
CA TYR E 86 -8.75 4.98 -14.83
C TYR E 86 -8.15 4.17 -15.93
N GLU E 87 -6.95 4.54 -16.34
CA GLU E 87 -6.28 3.79 -17.39
C GLU E 87 -6.15 2.32 -17.03
N TYR E 89 -8.08 0.66 -14.91
CA TYR E 89 -9.42 0.11 -14.85
C TYR E 89 -9.91 -0.33 -16.19
N GLU E 90 -9.51 0.33 -17.26
CA GLU E 90 -9.95 -0.07 -18.61
C GLU E 90 -9.55 -1.49 -18.86
N ALA E 91 -8.45 -1.88 -18.25
CA ALA E 91 -7.92 -3.21 -18.44
C ALA E 91 -8.64 -4.32 -17.69
N VAL E 92 -9.68 -4.04 -16.88
CA VAL E 92 -10.41 -5.16 -16.24
C VAL E 92 -11.67 -5.44 -17.04
N HIS E 93 -11.91 -4.57 -18.00
CA HIS E 93 -13.09 -4.67 -18.85
C HIS E 93 -13.01 -5.75 -19.84
N HIS E 94 -13.84 -6.76 -19.64
CA HIS E 94 -14.02 -7.79 -20.62
C HIS E 94 -14.93 -6.90 -21.38
N HIS E 95 -14.92 -7.01 -22.67
CA HIS E 95 -15.72 -6.12 -23.45
C HIS E 95 -16.56 -7.04 -24.32
N HIS E 96 -17.22 -6.50 -25.34
CA HIS E 96 -18.08 -7.34 -26.15
C HIS E 96 -17.37 -8.44 -26.95
N HIS E 97 -18.15 -9.23 -27.68
CA HIS E 97 -17.66 -10.41 -28.40
C HIS E 97 -16.71 -10.07 -29.57
#